data_3VSN
#
_entry.id   3VSN
#
_cell.length_a   118.172
_cell.length_b   118.172
_cell.length_c   100.099
_cell.angle_alpha   90.00
_cell.angle_beta   90.00
_cell.angle_gamma   120.00
#
_symmetry.space_group_name_H-M   'P 62'
#
loop_
_entity.id
_entity.type
_entity.pdbx_description
1 polymer 'Occlusion-derived virus envelope protein E66'
2 non-polymer 'IODIDE ION'
3 non-polymer GLYCEROL
4 water water
#
_entity_poly.entity_id   1
_entity_poly.type   'polypeptide(L)'
_entity_poly.pdbx_seq_one_letter_code
;MGSSHHHHHHSSGLVPRGSHMAFRQNNIQELQNFERWFKNNLSYSFSQKAEKVVNPNRNWNDNTVFDNLSPWTSVPDFGT
VCHTLIGYCVRYNNTSDTLYQNPELAYNLINGLRIICSKLPDPPPHQQAPWGPVADWYHFTITMPEVFMNITIVLNETQH
YDEAASLTRYWLGLYLPTAVNSMGWHRTAGNSMRMGVPYTYSQMLRGYSLAQIRQEQGIQEILNTIAFPYVTQGNGLHVD
SIYIDHIDVRAYGYLINSYFTFAYYTYYFGDEVINTVGLTRAIENVGSPEGVVVPGVMSRNGTLYSNVIGNFITYPLAVH
SADYSKVLTKLSKTYYGSVVGVTNRLAYYESDPTNNIQAPLWTMARRIWNRRGRIINYNANTVSFESGIILQSLNGIMRI
PSGTTSTQSFRPTIGQTAIAKTDTAGAILVYAKFAEMNNLQFKSCTLFYDHGMFQLYYNIGVEPNSLNNTNGRVIVLSRD
TSVNTNDLSFEAQRINNNNSSEGTTFNGVVCHRVPITNINVPSLTVRSPNSSVELVEQIISFQTMYTATASACYKLNVEG
HSDSLRAFRVNSDENIYVNVGNGVKALFNYPWVMVKENNKVSFMSANEDTTIPFSVIMNSFTSIGEPALQYSPSNCFVYG
NGFKLNNSTFDLQFIFEIV
;
_entity_poly.pdbx_strand_id   A
#
# COMPACT_ATOMS: atom_id res chain seq x y z
N ILE A 28 -24.70 -33.08 7.55
CA ILE A 28 -25.06 -32.13 6.46
C ILE A 28 -23.91 -31.95 5.45
N GLN A 29 -24.30 -31.91 4.18
CA GLN A 29 -23.39 -31.69 3.05
C GLN A 29 -22.68 -30.35 3.14
N GLU A 30 -23.46 -29.30 3.43
CA GLU A 30 -22.97 -27.94 3.53
C GLU A 30 -21.81 -27.81 4.53
N LEU A 31 -22.00 -28.39 5.72
CA LEU A 31 -20.99 -28.36 6.77
C LEU A 31 -19.71 -29.09 6.36
N GLN A 32 -19.87 -30.32 5.85
CA GLN A 32 -18.71 -31.12 5.42
C GLN A 32 -17.95 -30.47 4.26
N ASN A 33 -18.68 -29.88 3.32
CA ASN A 33 -18.08 -29.16 2.20
C ASN A 33 -17.30 -27.91 2.67
N PHE A 34 -17.86 -27.17 3.63
CA PHE A 34 -17.16 -26.00 4.17
C PHE A 34 -15.89 -26.40 4.91
N GLU A 35 -15.98 -27.43 5.74
CA GLU A 35 -14.82 -27.92 6.47
C GLU A 35 -13.71 -28.41 5.54
N ARG A 36 -14.10 -29.04 4.44
CA ARG A 36 -13.16 -29.48 3.40
C ARG A 36 -12.47 -28.29 2.73
N TRP A 37 -13.27 -27.29 2.35
CA TRP A 37 -12.76 -26.07 1.73
C TRP A 37 -11.83 -25.34 2.66
N PHE A 38 -12.20 -25.28 3.94
CA PHE A 38 -11.39 -24.61 4.97
C PHE A 38 -10.00 -25.25 5.07
N LYS A 39 -9.96 -26.57 5.17
CA LYS A 39 -8.71 -27.31 5.26
C LYS A 39 -7.88 -27.21 3.99
N ASN A 40 -8.55 -27.26 2.84
CA ASN A 40 -7.89 -27.11 1.54
C ASN A 40 -7.19 -25.76 1.39
N ASN A 41 -7.78 -24.72 1.96
CA ASN A 41 -7.33 -23.36 1.74
C ASN A 41 -6.65 -22.70 2.95
N LEU A 42 -6.49 -23.46 4.04
CA LEU A 42 -5.97 -22.89 5.30
C LEU A 42 -4.60 -22.22 5.17
N SER A 43 -3.63 -22.93 4.60
CA SER A 43 -2.29 -22.36 4.43
C SER A 43 -2.34 -21.06 3.62
N TYR A 44 -3.08 -21.08 2.52
CA TYR A 44 -3.29 -19.89 1.70
C TYR A 44 -3.96 -18.75 2.47
N SER A 45 -5.03 -19.07 3.17
CA SER A 45 -5.78 -18.08 3.97
C SER A 45 -4.90 -17.47 5.05
N PHE A 46 -4.14 -18.31 5.73
CA PHE A 46 -3.21 -17.90 6.77
C PHE A 46 -2.16 -16.93 6.22
N SER A 47 -1.72 -17.16 4.98
CA SER A 47 -0.74 -16.28 4.33
C SER A 47 -1.29 -14.87 4.08
N GLN A 48 -2.63 -14.74 4.09
CA GLN A 48 -3.29 -13.45 3.91
C GLN A 48 -3.59 -12.75 5.23
N LYS A 49 -3.60 -13.50 6.32
CA LYS A 49 -4.03 -12.99 7.62
C LYS A 49 -2.97 -12.11 8.27
N ALA A 50 -3.34 -10.86 8.55
CA ALA A 50 -2.41 -9.86 9.07
C ALA A 50 -1.88 -10.20 10.47
N GLU A 51 -2.78 -10.57 11.37
CA GLU A 51 -2.41 -10.88 12.76
C GLU A 51 -2.28 -12.39 12.96
N LYS A 52 -1.04 -12.84 13.17
CA LYS A 52 -0.77 -14.27 13.27
C LYS A 52 0.63 -14.56 13.84
N VAL A 53 0.83 -15.80 14.26
CA VAL A 53 2.15 -16.33 14.61
C VAL A 53 2.45 -17.49 13.68
N VAL A 54 3.43 -17.30 12.80
CA VAL A 54 3.74 -18.27 11.76
C VAL A 54 4.68 -19.36 12.26
N ASN A 55 4.39 -20.59 11.89
CA ASN A 55 5.25 -21.75 12.15
C ASN A 55 5.76 -21.78 13.61
N PRO A 56 4.83 -21.80 14.59
CA PRO A 56 5.28 -21.77 15.98
C PRO A 56 5.96 -23.07 16.40
N ASN A 57 6.92 -22.96 17.31
CA ASN A 57 7.51 -24.14 17.93
C ASN A 57 7.64 -24.00 19.44
N ARG A 58 6.84 -23.10 20.01
CA ARG A 58 6.80 -22.88 21.46
C ARG A 58 6.39 -24.16 22.19
N ASN A 59 7.07 -24.43 23.31
CA ASN A 59 6.79 -25.61 24.13
C ASN A 59 5.45 -25.58 24.84
N TRP A 60 4.87 -26.76 25.05
CA TRP A 60 3.56 -26.90 25.67
C TRP A 60 3.64 -26.99 27.18
N ASN A 61 2.64 -26.42 27.84
CA ASN A 61 2.59 -26.32 29.29
C ASN A 61 1.15 -26.57 29.76
N ASP A 62 0.96 -27.52 30.67
CA ASP A 62 -0.39 -27.90 31.13
C ASP A 62 -1.13 -26.83 31.93
N ASN A 63 -0.42 -25.79 32.35
CA ASN A 63 -1.02 -24.70 33.11
C ASN A 63 -1.37 -23.48 32.24
N THR A 64 -0.41 -23.05 31.43
CA THR A 64 -0.54 -21.81 30.67
C THR A 64 -0.62 -22.04 29.16
N VAL A 65 -0.93 -23.28 28.77
CA VAL A 65 -0.95 -23.74 27.36
C VAL A 65 0.46 -23.80 26.76
N PHE A 66 1.20 -22.70 26.84
CA PHE A 66 2.59 -22.64 26.38
C PHE A 66 3.53 -22.07 27.43
N ASP A 67 4.81 -22.46 27.37
CA ASP A 67 5.85 -21.98 28.29
C ASP A 67 6.12 -20.49 28.14
N ASN A 68 6.55 -19.87 29.25
CA ASN A 68 6.95 -18.46 29.30
C ASN A 68 5.86 -17.46 28.90
N LEU A 69 4.62 -17.77 29.26
CA LEU A 69 3.50 -16.87 29.07
C LEU A 69 2.63 -16.86 30.32
N SER A 70 1.98 -15.72 30.57
CA SER A 70 1.04 -15.60 31.69
C SER A 70 -0.34 -15.18 31.20
N PRO A 71 -1.03 -16.07 30.46
CA PRO A 71 -2.27 -15.71 29.76
C PRO A 71 -3.47 -15.40 30.67
N TRP A 72 -3.44 -15.88 31.92
CA TRP A 72 -4.59 -15.75 32.82
C TRP A 72 -4.60 -14.46 33.59
N THR A 73 -3.46 -13.76 33.58
CA THR A 73 -3.35 -12.45 34.21
C THR A 73 -3.01 -11.36 33.18
N SER A 74 -2.20 -11.72 32.19
CA SER A 74 -1.84 -10.81 31.10
C SER A 74 -2.62 -11.12 29.83
N VAL A 75 -3.46 -10.19 29.40
CA VAL A 75 -4.30 -10.36 28.21
C VAL A 75 -3.50 -10.38 26.90
N PRO A 76 -2.41 -9.58 26.79
CA PRO A 76 -1.53 -9.75 25.62
C PRO A 76 -0.96 -11.16 25.50
N ASP A 77 -0.61 -11.77 26.63
CA ASP A 77 -0.13 -13.15 26.65
C ASP A 77 -1.21 -14.15 26.22
N PHE A 78 -2.47 -13.87 26.58
CA PHE A 78 -3.60 -14.69 26.13
C PHE A 78 -3.76 -14.61 24.61
N GLY A 79 -3.59 -13.40 24.07
CA GLY A 79 -3.55 -13.19 22.62
C GLY A 79 -2.46 -14.03 21.96
N THR A 80 -1.30 -14.09 22.59
CA THR A 80 -0.18 -14.89 22.10
C THR A 80 -0.50 -16.40 22.12
N VAL A 81 -1.12 -16.86 23.21
CA VAL A 81 -1.60 -18.25 23.31
C VAL A 81 -2.55 -18.55 22.15
N CYS A 82 -3.54 -17.67 21.97
CA CYS A 82 -4.52 -17.80 20.89
C CYS A 82 -3.87 -17.90 19.50
N HIS A 83 -2.99 -16.95 19.17
CA HIS A 83 -2.30 -16.95 17.88
C HIS A 83 -1.43 -18.16 17.68
N THR A 84 -0.73 -18.57 18.74
CA THR A 84 0.16 -19.72 18.69
C THR A 84 -0.60 -21.03 18.45
N LEU A 85 -1.77 -21.17 19.08
CA LEU A 85 -2.66 -22.32 18.83
C LEU A 85 -3.11 -22.38 17.37
N ILE A 86 -3.53 -21.23 16.83
CA ILE A 86 -3.93 -21.14 15.43
C ILE A 86 -2.74 -21.50 14.52
N GLY A 87 -1.55 -20.98 14.84
CA GLY A 87 -0.33 -21.32 14.09
C GLY A 87 -0.05 -22.81 14.07
N TYR A 88 -0.30 -23.47 15.21
CA TYR A 88 -0.13 -24.93 15.30
C TYR A 88 -1.19 -25.70 14.51
N CYS A 89 -2.40 -25.17 14.43
CA CYS A 89 -3.44 -25.74 13.58
C CYS A 89 -3.00 -25.78 12.13
N VAL A 90 -2.41 -24.68 11.67
CA VAL A 90 -1.91 -24.58 10.28
C VAL A 90 -0.80 -25.61 10.04
N ARG A 91 0.10 -25.75 11.01
CA ARG A 91 1.17 -26.75 10.96
C ARG A 91 0.61 -28.17 10.90
N TYR A 92 -0.37 -28.45 11.76
CA TYR A 92 -1.03 -29.76 11.79
C TYR A 92 -1.66 -30.10 10.44
N ASN A 93 -2.21 -29.09 9.78
CA ASN A 93 -2.96 -29.25 8.56
C ASN A 93 -2.10 -29.19 7.28
N ASN A 94 -0.83 -28.79 7.43
CA ASN A 94 0.05 -28.55 6.29
C ASN A 94 0.85 -29.79 5.87
N THR A 95 0.55 -30.31 4.68
CA THR A 95 1.13 -31.55 4.16
C THR A 95 2.65 -31.64 4.24
N SER A 96 3.35 -30.51 4.05
CA SER A 96 4.81 -30.51 4.06
C SER A 96 5.45 -30.31 5.43
N ASP A 97 4.64 -29.97 6.43
CA ASP A 97 5.14 -29.75 7.80
C ASP A 97 5.54 -31.07 8.44
N THR A 98 6.59 -31.04 9.24
CA THR A 98 7.05 -32.23 9.96
C THR A 98 6.00 -32.76 10.96
N LEU A 99 5.10 -31.88 11.40
CA LEU A 99 4.05 -32.24 12.37
C LEU A 99 2.69 -32.47 11.72
N TYR A 100 2.68 -32.67 10.40
CA TYR A 100 1.45 -32.92 9.65
C TYR A 100 0.71 -34.15 10.18
N GLN A 101 -0.53 -33.93 10.61
CA GLN A 101 -1.41 -35.00 11.14
C GLN A 101 -0.82 -35.73 12.35
N ASN A 102 0.12 -35.10 13.02
CA ASN A 102 0.79 -35.68 14.18
C ASN A 102 -0.17 -35.81 15.38
N PRO A 103 -0.38 -37.05 15.86
CA PRO A 103 -1.39 -37.31 16.91
C PRO A 103 -1.13 -36.59 18.24
N GLU A 104 0.14 -36.42 18.59
CA GLU A 104 0.51 -35.70 19.82
C GLU A 104 0.23 -34.19 19.73
N LEU A 105 0.38 -33.63 18.52
CA LEU A 105 -0.05 -32.25 18.26
C LEU A 105 -1.57 -32.13 18.33
N ALA A 106 -2.27 -33.11 17.78
CA ALA A 106 -3.73 -33.15 17.84
C ALA A 106 -4.21 -33.09 19.29
N TYR A 107 -3.61 -33.94 20.13
CA TYR A 107 -3.89 -33.95 21.56
C TYR A 107 -3.58 -32.59 22.19
N ASN A 108 -2.43 -32.02 21.85
CA ASN A 108 -2.04 -30.73 22.39
C ASN A 108 -3.03 -29.61 22.04
N LEU A 109 -3.56 -29.67 20.83
CA LEU A 109 -4.55 -28.70 20.37
C LEU A 109 -5.88 -28.81 21.13
N ILE A 110 -6.44 -30.02 21.23
CA ILE A 110 -7.68 -30.20 21.98
C ILE A 110 -7.48 -29.89 23.48
N ASN A 111 -6.32 -30.29 24.02
CA ASN A 111 -5.97 -29.98 25.42
C ASN A 111 -5.88 -28.47 25.65
N GLY A 112 -5.28 -27.76 24.69
CA GLY A 112 -5.21 -26.29 24.73
C GLY A 112 -6.58 -25.65 24.77
N LEU A 113 -7.51 -26.17 23.96
CA LEU A 113 -8.89 -25.68 23.93
C LEU A 113 -9.61 -25.94 25.24
N ARG A 114 -9.44 -27.15 25.79
CA ARG A 114 -9.98 -27.51 27.10
C ARG A 114 -9.50 -26.56 28.20
N ILE A 115 -8.21 -26.24 28.18
CA ILE A 115 -7.62 -25.33 29.18
C ILE A 115 -8.27 -23.94 29.11
N ILE A 116 -8.42 -23.41 27.90
CA ILE A 116 -9.08 -22.11 27.70
C ILE A 116 -10.54 -22.13 28.20
N CYS A 117 -11.28 -23.18 27.85
CA CYS A 117 -12.67 -23.33 28.26
C CYS A 117 -12.85 -23.36 29.77
N SER A 118 -11.89 -23.96 30.47
CA SER A 118 -11.92 -24.03 31.93
C SER A 118 -11.64 -22.69 32.61
N LYS A 119 -11.10 -21.73 31.86
CA LYS A 119 -10.78 -20.41 32.39
C LYS A 119 -11.89 -19.38 32.13
N LEU A 120 -12.75 -19.66 31.15
CA LEU A 120 -13.79 -18.71 30.74
C LEU A 120 -14.95 -18.65 31.72
N PRO A 121 -15.31 -17.43 32.18
CA PRO A 121 -16.48 -17.23 33.04
C PRO A 121 -17.79 -17.63 32.36
N ASP A 122 -18.67 -18.23 33.15
CA ASP A 122 -20.01 -18.61 32.72
C ASP A 122 -20.96 -18.21 33.85
N PRO A 123 -21.85 -17.23 33.60
CA PRO A 123 -22.11 -16.54 32.33
C PRO A 123 -20.98 -15.58 31.92
N PRO A 124 -20.89 -15.22 30.63
CA PRO A 124 -19.86 -14.27 30.19
C PRO A 124 -20.04 -12.90 30.83
N PRO A 125 -18.95 -12.12 30.96
CA PRO A 125 -19.07 -10.80 31.56
C PRO A 125 -19.91 -9.85 30.69
N HIS A 126 -20.54 -8.87 31.33
CA HIS A 126 -21.23 -7.81 30.61
C HIS A 126 -20.40 -6.56 30.59
N GLN A 127 -19.92 -6.23 29.39
CA GLN A 127 -19.10 -5.04 29.13
C GLN A 127 -17.84 -4.91 29.99
N GLN A 128 -17.19 -6.06 30.23
CA GLN A 128 -15.83 -6.10 30.78
C GLN A 128 -15.11 -7.30 30.16
N ALA A 129 -13.78 -7.25 30.19
CA ALA A 129 -12.98 -8.43 29.85
C ALA A 129 -13.10 -9.43 31.00
N PRO A 130 -13.13 -10.74 30.69
CA PRO A 130 -13.19 -11.75 31.74
C PRO A 130 -12.05 -11.66 32.76
N TRP A 131 -10.86 -11.29 32.30
CA TRP A 131 -9.74 -10.97 33.19
C TRP A 131 -8.84 -9.90 32.61
N GLY A 132 -7.92 -9.40 33.43
CA GLY A 132 -7.08 -8.27 33.05
C GLY A 132 -7.87 -6.96 33.01
N PRO A 133 -7.27 -5.89 32.48
CA PRO A 133 -7.95 -4.58 32.37
C PRO A 133 -9.32 -4.72 31.72
N VAL A 134 -10.31 -4.01 32.29
CA VAL A 134 -11.72 -4.14 31.87
C VAL A 134 -11.96 -3.78 30.40
N ALA A 135 -10.99 -3.11 29.79
CA ALA A 135 -11.12 -2.65 28.40
C ALA A 135 -10.33 -3.48 27.39
N ASP A 136 -9.61 -4.50 27.86
CA ASP A 136 -8.83 -5.38 26.98
C ASP A 136 -9.66 -6.56 26.46
N TRP A 137 -10.75 -6.23 25.78
CA TRP A 137 -11.72 -7.22 25.30
C TRP A 137 -11.30 -7.90 24.02
N TYR A 138 -10.35 -7.29 23.30
CA TYR A 138 -10.02 -7.67 21.91
C TYR A 138 -9.85 -9.16 21.67
N HIS A 139 -8.92 -9.79 22.38
CA HIS A 139 -8.57 -11.18 22.14
C HIS A 139 -9.65 -12.17 22.51
N PHE A 140 -10.60 -11.73 23.33
CA PHE A 140 -11.74 -12.59 23.70
C PHE A 140 -12.81 -12.62 22.61
N THR A 141 -13.03 -11.47 21.96
CA THR A 141 -14.05 -11.32 20.94
C THR A 141 -13.53 -11.66 19.53
N ILE A 142 -12.28 -11.29 19.26
CA ILE A 142 -11.72 -11.39 17.91
C ILE A 142 -10.91 -12.68 17.73
N THR A 143 -9.83 -12.82 18.50
CA THR A 143 -8.87 -13.91 18.30
C THR A 143 -9.38 -15.26 18.83
N MET A 144 -9.97 -15.26 20.01
CA MET A 144 -10.41 -16.51 20.64
C MET A 144 -11.44 -17.32 19.82
N PRO A 145 -12.49 -16.67 19.28
CA PRO A 145 -13.42 -17.45 18.45
C PRO A 145 -12.75 -18.09 17.23
N GLU A 146 -11.71 -17.45 16.70
CA GLU A 146 -10.91 -18.03 15.62
C GLU A 146 -10.15 -19.29 16.07
N VAL A 147 -9.75 -19.33 17.34
CA VAL A 147 -9.11 -20.52 17.92
C VAL A 147 -10.06 -21.71 17.89
N PHE A 148 -11.27 -21.50 18.41
CA PHE A 148 -12.32 -22.52 18.40
C PHE A 148 -12.54 -23.07 17.00
N MET A 149 -12.68 -22.16 16.03
CA MET A 149 -12.92 -22.54 14.64
C MET A 149 -11.77 -23.34 14.03
N ASN A 150 -10.55 -22.83 14.16
CA ASN A 150 -9.37 -23.49 13.59
C ASN A 150 -9.13 -24.88 14.18
N ILE A 151 -9.20 -25.00 15.50
CA ILE A 151 -8.98 -26.29 16.17
C ILE A 151 -10.05 -27.31 15.76
N THR A 152 -11.32 -26.92 15.86
CA THR A 152 -12.43 -27.80 15.50
C THR A 152 -12.33 -28.35 14.06
N ILE A 153 -12.04 -27.47 13.11
CA ILE A 153 -11.99 -27.89 11.70
C ILE A 153 -10.78 -28.76 11.38
N VAL A 154 -9.57 -28.32 11.76
CA VAL A 154 -8.38 -29.11 11.41
C VAL A 154 -8.37 -30.51 12.06
N LEU A 155 -9.09 -30.65 13.16
CA LEU A 155 -9.18 -31.93 13.87
C LEU A 155 -10.43 -32.73 13.49
N ASN A 156 -11.10 -32.33 12.40
CA ASN A 156 -12.42 -32.90 12.06
C ASN A 156 -12.43 -34.39 11.70
N GLU A 157 -11.27 -34.97 11.42
CA GLU A 157 -11.19 -36.39 11.12
C GLU A 157 -10.57 -37.20 12.26
N THR A 158 -10.40 -36.55 13.40
CA THR A 158 -9.86 -37.20 14.60
C THR A 158 -10.95 -37.52 15.61
N GLN A 159 -10.55 -38.20 16.70
CA GLN A 159 -11.51 -38.55 17.75
CA GLN A 159 -11.44 -38.57 17.81
C GLN A 159 -11.87 -37.35 18.63
N HIS A 160 -11.23 -36.21 18.38
CA HIS A 160 -11.47 -34.99 19.14
C HIS A 160 -12.53 -34.09 18.55
N TYR A 161 -12.96 -34.38 17.32
CA TYR A 161 -13.87 -33.48 16.59
C TYR A 161 -15.17 -33.19 17.33
N ASP A 162 -15.90 -34.24 17.73
CA ASP A 162 -17.19 -34.06 18.40
C ASP A 162 -17.07 -33.21 19.66
N GLU A 163 -16.02 -33.40 20.45
CA GLU A 163 -15.78 -32.56 21.62
C GLU A 163 -15.47 -31.10 21.24
N ALA A 164 -14.60 -30.91 20.26
CA ALA A 164 -14.23 -29.57 19.81
C ALA A 164 -15.46 -28.82 19.29
N ALA A 165 -16.28 -29.50 18.48
CA ALA A 165 -17.51 -28.92 17.97
C ALA A 165 -18.49 -28.54 19.09
N SER A 166 -18.62 -29.41 20.09
CA SER A 166 -19.52 -29.15 21.22
C SER A 166 -19.06 -27.97 22.07
N LEU A 167 -17.76 -27.88 22.31
CA LEU A 167 -17.18 -26.75 23.02
C LEU A 167 -17.39 -25.45 22.23
N THR A 168 -17.21 -25.52 20.91
CA THR A 168 -17.45 -24.37 20.03
C THR A 168 -18.92 -23.91 20.09
N ARG A 169 -19.85 -24.85 19.91
CA ARG A 169 -21.29 -24.55 19.98
C ARG A 169 -21.65 -23.89 21.31
N TYR A 170 -21.15 -24.44 22.42
CA TYR A 170 -21.48 -23.89 23.72
C TYR A 170 -20.81 -22.53 24.01
N TRP A 171 -19.48 -22.49 23.90
CA TRP A 171 -18.74 -21.31 24.33
C TRP A 171 -18.88 -20.12 23.43
N LEU A 172 -19.02 -20.37 22.13
CA LEU A 172 -19.29 -19.27 21.20
C LEU A 172 -20.74 -18.83 21.31
N GLY A 173 -21.62 -19.77 21.66
CA GLY A 173 -23.01 -19.44 21.98
C GLY A 173 -23.09 -18.38 23.07
N LEU A 174 -22.17 -18.47 24.03
CA LEU A 174 -22.08 -17.49 25.10
C LEU A 174 -21.33 -16.22 24.71
N TYR A 175 -20.13 -16.39 24.13
CA TYR A 175 -19.22 -15.26 23.89
C TYR A 175 -19.41 -14.54 22.56
N LEU A 176 -20.06 -15.22 21.62
CA LEU A 176 -20.37 -14.64 20.31
C LEU A 176 -21.82 -15.01 19.94
N PRO A 177 -22.80 -14.51 20.73
CA PRO A 177 -24.20 -14.94 20.57
C PRO A 177 -24.82 -14.52 19.23
N THR A 178 -24.35 -13.43 18.65
CA THR A 178 -24.68 -13.05 17.28
C THR A 178 -23.38 -12.75 16.54
N ALA A 179 -23.48 -12.47 15.24
CA ALA A 179 -22.34 -12.11 14.41
C ALA A 179 -21.67 -10.80 14.83
N VAL A 180 -22.42 -9.93 15.51
CA VAL A 180 -21.96 -8.57 15.81
C VAL A 180 -22.01 -8.19 17.30
N ASN A 181 -22.28 -9.17 18.16
CA ASN A 181 -22.37 -8.93 19.58
C ASN A 181 -21.45 -9.86 20.36
N SER A 182 -20.70 -9.30 21.29
CA SER A 182 -19.84 -10.08 22.17
C SER A 182 -19.67 -9.39 23.51
N MET A 183 -19.90 -10.13 24.58
CA MET A 183 -19.72 -9.67 25.97
C MET A 183 -20.41 -8.33 26.24
N GLY A 184 -21.62 -8.17 25.73
CA GLY A 184 -22.43 -6.97 25.99
C GLY A 184 -22.16 -5.78 25.10
N TRP A 185 -21.29 -5.95 24.10
CA TRP A 185 -20.97 -4.87 23.16
C TRP A 185 -21.39 -5.19 21.76
N HIS A 186 -21.92 -4.17 21.07
CA HIS A 186 -22.18 -4.26 19.64
C HIS A 186 -20.93 -3.88 18.90
N ARG A 187 -20.62 -4.60 17.83
CA ARG A 187 -19.40 -4.36 17.07
C ARG A 187 -19.67 -4.05 15.60
N THR A 188 -18.75 -3.32 14.98
CA THR A 188 -18.88 -2.88 13.59
C THR A 188 -17.55 -3.04 12.85
N ALA A 189 -17.55 -2.65 11.57
CA ALA A 189 -16.33 -2.48 10.77
C ALA A 189 -15.39 -3.69 10.80
N GLY A 190 -14.11 -3.45 11.05
CA GLY A 190 -13.07 -4.49 11.04
C GLY A 190 -13.33 -5.61 12.05
N ASN A 191 -13.73 -5.21 13.26
CA ASN A 191 -14.10 -6.17 14.31
C ASN A 191 -15.19 -7.14 13.87
N SER A 192 -16.26 -6.59 13.29
CA SER A 192 -17.40 -7.40 12.85
C SER A 192 -17.03 -8.35 11.71
N MET A 193 -16.13 -7.91 10.82
CA MET A 193 -15.67 -8.77 9.73
C MET A 193 -14.95 -10.02 10.22
N ARG A 194 -14.16 -9.85 11.29
CA ARG A 194 -13.49 -10.98 11.96
C ARG A 194 -14.50 -11.91 12.61
N MET A 195 -15.40 -11.34 13.39
CA MET A 195 -16.40 -12.07 14.18
C MET A 195 -17.35 -12.94 13.36
N GLY A 196 -17.78 -12.43 12.21
CA GLY A 196 -18.77 -13.13 11.39
C GLY A 196 -18.34 -14.49 10.89
N VAL A 197 -17.04 -14.68 10.69
CA VAL A 197 -16.51 -15.92 10.15
C VAL A 197 -16.68 -17.12 11.12
N PRO A 198 -16.13 -17.02 12.35
CA PRO A 198 -16.38 -18.12 13.30
C PRO A 198 -17.84 -18.18 13.77
N TYR A 199 -18.52 -17.04 13.82
CA TYR A 199 -19.95 -17.07 14.18
C TYR A 199 -20.75 -17.90 13.18
N THR A 200 -20.58 -17.63 11.89
CA THR A 200 -21.27 -18.38 10.85
C THR A 200 -21.00 -19.88 10.96
N TYR A 201 -19.74 -20.24 11.18
CA TYR A 201 -19.36 -21.63 11.40
C TYR A 201 -20.05 -22.24 12.62
N SER A 202 -20.13 -21.49 13.71
CA SER A 202 -20.80 -21.97 14.92
C SER A 202 -22.28 -22.27 14.66
N GLN A 203 -22.92 -21.44 13.84
CA GLN A 203 -24.31 -21.67 13.44
C GLN A 203 -24.47 -22.89 12.54
N MET A 204 -23.49 -23.12 11.67
CA MET A 204 -23.49 -24.32 10.82
C MET A 204 -23.36 -25.58 11.67
N LEU A 205 -22.53 -25.52 12.72
CA LEU A 205 -22.38 -26.62 13.67
C LEU A 205 -23.68 -26.93 14.42
N ARG A 206 -24.49 -25.89 14.64
CA ARG A 206 -25.81 -26.03 15.28
C ARG A 206 -26.88 -26.55 14.31
N GLY A 207 -26.52 -26.67 13.04
CA GLY A 207 -27.42 -27.25 12.04
C GLY A 207 -28.19 -26.27 11.17
N TYR A 208 -27.97 -24.97 11.36
CA TYR A 208 -28.57 -23.96 10.48
C TYR A 208 -27.92 -23.96 9.10
N SER A 209 -28.74 -23.79 8.06
CA SER A 209 -28.22 -23.68 6.69
C SER A 209 -27.66 -22.28 6.47
N LEU A 210 -26.76 -22.15 5.49
CA LEU A 210 -26.18 -20.84 5.15
C LEU A 210 -27.25 -19.84 4.73
N ALA A 211 -28.29 -20.31 4.03
CA ALA A 211 -29.42 -19.46 3.65
C ALA A 211 -30.14 -18.87 4.86
N GLN A 212 -30.24 -19.64 5.94
CA GLN A 212 -30.85 -19.18 7.19
C GLN A 212 -29.98 -18.15 7.89
N ILE A 213 -28.69 -18.47 8.02
CA ILE A 213 -27.71 -17.60 8.69
C ILE A 213 -27.63 -16.24 7.99
N ARG A 214 -27.65 -16.26 6.67
CA ARG A 214 -27.65 -15.06 5.83
C ARG A 214 -28.71 -14.03 6.26
N GLN A 215 -29.89 -14.53 6.63
CA GLN A 215 -31.04 -13.66 6.95
C GLN A 215 -30.99 -13.01 8.33
N GLU A 216 -30.09 -13.49 9.19
CA GLU A 216 -29.94 -12.92 10.54
C GLU A 216 -29.53 -11.46 10.47
N GLN A 217 -30.03 -10.66 11.41
CA GLN A 217 -29.77 -9.22 11.48
C GLN A 217 -28.27 -8.89 11.52
N GLY A 218 -27.52 -9.63 12.35
CA GLY A 218 -26.08 -9.43 12.50
C GLY A 218 -25.31 -9.64 11.21
N ILE A 219 -25.65 -10.72 10.51
CA ILE A 219 -25.03 -11.06 9.23
C ILE A 219 -25.37 -10.01 8.16
N GLN A 220 -26.61 -9.51 8.19
CA GLN A 220 -27.04 -8.44 7.29
C GLN A 220 -26.21 -7.16 7.47
N GLU A 221 -25.87 -6.85 8.73
CA GLU A 221 -25.00 -5.71 9.02
C GLU A 221 -23.60 -5.91 8.41
N ILE A 222 -23.06 -7.13 8.56
CA ILE A 222 -21.75 -7.47 8.01
C ILE A 222 -21.75 -7.43 6.48
N LEU A 223 -22.81 -7.97 5.86
CA LEU A 223 -22.94 -7.94 4.40
C LEU A 223 -22.90 -6.50 3.86
N ASN A 224 -23.48 -5.57 4.59
CA ASN A 224 -23.39 -4.16 4.26
C ASN A 224 -21.96 -3.65 4.40
N THR A 225 -21.32 -4.01 5.51
CA THR A 225 -19.94 -3.61 5.80
C THR A 225 -18.95 -4.09 4.73
N ILE A 226 -19.16 -5.30 4.22
CA ILE A 226 -18.23 -5.92 3.25
C ILE A 226 -18.57 -5.66 1.78
N ALA A 227 -19.64 -4.90 1.52
CA ALA A 227 -20.06 -4.66 0.14
C ALA A 227 -18.99 -3.91 -0.66
N PHE A 228 -18.35 -2.94 0.00
CA PHE A 228 -17.35 -2.06 -0.61
C PHE A 228 -17.81 -1.44 -1.94
N PRO A 229 -18.96 -0.74 -1.93
CA PRO A 229 -19.37 -0.04 -3.15
C PRO A 229 -18.39 1.09 -3.41
N TYR A 230 -18.28 1.51 -4.67
CA TYR A 230 -17.49 2.70 -4.99
C TYR A 230 -18.16 3.92 -4.33
N VAL A 231 -17.34 4.78 -3.72
CA VAL A 231 -17.83 6.03 -3.15
C VAL A 231 -17.13 7.19 -3.84
N THR A 232 -17.72 8.38 -3.82
CA THR A 232 -17.09 9.55 -4.45
C THR A 232 -16.29 10.41 -3.47
N GLN A 233 -16.65 10.32 -2.19
CA GLN A 233 -15.91 11.01 -1.13
C GLN A 233 -16.06 10.27 0.19
N GLY A 234 -15.24 10.64 1.17
CA GLY A 234 -15.28 10.04 2.50
C GLY A 234 -14.67 8.66 2.55
N ASN A 235 -14.93 7.95 3.65
CA ASN A 235 -14.39 6.61 3.87
C ASN A 235 -14.90 5.60 2.85
N GLY A 236 -14.00 4.76 2.36
CA GLY A 236 -14.39 3.66 1.48
C GLY A 236 -13.54 3.56 0.24
N LEU A 237 -13.96 2.66 -0.65
CA LEU A 237 -13.28 2.47 -1.91
C LEU A 237 -13.70 3.56 -2.88
N HIS A 238 -12.77 4.46 -3.19
CA HIS A 238 -13.06 5.54 -4.14
C HIS A 238 -13.22 5.00 -5.54
N VAL A 239 -13.82 5.79 -6.42
CA VAL A 239 -14.23 5.32 -7.76
C VAL A 239 -13.10 4.75 -8.60
N ASP A 240 -11.88 5.21 -8.36
CA ASP A 240 -10.71 4.73 -9.09
C ASP A 240 -9.92 3.67 -8.31
N SER A 241 -10.60 3.01 -7.36
CA SER A 241 -10.02 1.91 -6.59
C SER A 241 -8.74 2.27 -5.82
N ILE A 242 -8.85 3.30 -4.99
CA ILE A 242 -7.89 3.56 -3.92
C ILE A 242 -8.71 3.63 -2.64
N TYR A 243 -8.23 2.97 -1.59
CA TYR A 243 -8.97 2.97 -0.33
C TYR A 243 -8.69 4.20 0.52
N ILE A 244 -9.76 4.90 0.88
CA ILE A 244 -9.68 6.11 1.69
C ILE A 244 -10.25 5.85 3.08
N ASP A 245 -9.49 6.20 4.10
CA ASP A 245 -9.92 6.08 5.50
C ASP A 245 -9.69 7.41 6.22
N HIS A 246 -10.26 7.56 7.41
CA HIS A 246 -10.14 8.79 8.19
C HIS A 246 -10.58 10.00 7.39
N ILE A 247 -11.68 9.82 6.67
CA ILE A 247 -12.33 10.82 5.82
C ILE A 247 -11.57 11.11 4.50
N ASP A 248 -10.27 11.41 4.60
CA ASP A 248 -9.53 11.88 3.42
C ASP A 248 -8.07 11.37 3.30
N VAL A 249 -7.76 10.27 3.97
CA VAL A 249 -6.39 9.72 3.95
C VAL A 249 -6.33 8.46 3.08
N ARG A 250 -5.37 8.41 2.16
CA ARG A 250 -5.05 7.15 1.46
C ARG A 250 -4.46 6.18 2.49
N ALA A 251 -5.18 5.10 2.79
CA ALA A 251 -4.82 4.22 3.91
C ALA A 251 -5.36 2.81 3.73
N TYR A 252 -4.47 1.87 3.48
CA TYR A 252 -4.85 0.49 3.17
C TYR A 252 -4.98 -0.42 4.39
N GLY A 253 -4.66 0.10 5.57
CA GLY A 253 -4.71 -0.66 6.82
C GLY A 253 -6.02 -1.39 7.06
N TYR A 254 -7.14 -0.71 6.82
CA TYR A 254 -8.47 -1.30 6.98
C TYR A 254 -8.67 -2.53 6.09
N LEU A 255 -8.25 -2.43 4.85
CA LEU A 255 -8.33 -3.56 3.90
C LEU A 255 -7.36 -4.67 4.26
N ILE A 256 -6.11 -4.30 4.57
CA ILE A 256 -5.07 -5.28 4.89
C ILE A 256 -5.44 -6.16 6.09
N ASN A 257 -5.99 -5.54 7.13
CA ASN A 257 -6.29 -6.24 8.38
C ASN A 257 -7.41 -7.28 8.29
N SER A 258 -8.37 -7.04 7.41
CA SER A 258 -9.51 -7.95 7.32
CA SER A 258 -9.57 -7.88 7.29
C SER A 258 -9.65 -8.66 5.98
N TYR A 259 -8.69 -8.43 5.08
CA TYR A 259 -8.73 -9.03 3.74
C TYR A 259 -8.95 -10.55 3.74
N PHE A 260 -8.28 -11.27 4.65
CA PHE A 260 -8.37 -12.73 4.66
C PHE A 260 -9.80 -13.25 4.87
N THR A 261 -10.65 -12.44 5.52
CA THR A 261 -12.04 -12.83 5.76
C THR A 261 -12.88 -12.86 4.50
N PHE A 262 -12.48 -12.10 3.47
CA PHE A 262 -13.30 -11.92 2.27
C PHE A 262 -13.62 -13.24 1.58
N ALA A 263 -12.61 -14.12 1.46
CA ALA A 263 -12.78 -15.44 0.85
C ALA A 263 -13.84 -16.29 1.57
N TYR A 264 -13.93 -16.13 2.89
CA TYR A 264 -14.93 -16.86 3.69
C TYR A 264 -16.35 -16.39 3.37
N TYR A 265 -16.56 -15.08 3.38
CA TYR A 265 -17.87 -14.50 3.07
C TYR A 265 -18.33 -14.80 1.65
N THR A 266 -17.39 -14.79 0.71
CA THR A 266 -17.68 -15.18 -0.67
C THR A 266 -18.08 -16.65 -0.75
N TYR A 267 -17.40 -17.51 0.01
CA TYR A 267 -17.78 -18.92 0.09
C TYR A 267 -19.16 -19.08 0.73
N TYR A 268 -19.36 -18.45 1.87
CA TYR A 268 -20.60 -18.53 2.64
C TYR A 268 -21.83 -18.01 1.87
N PHE A 269 -21.71 -16.81 1.31
CA PHE A 269 -22.88 -16.09 0.83
C PHE A 269 -22.89 -15.70 -0.66
N GLY A 270 -21.86 -16.14 -1.39
CA GLY A 270 -21.85 -16.04 -2.85
C GLY A 270 -21.01 -14.92 -3.43
N ASP A 271 -20.86 -14.95 -4.76
CA ASP A 271 -20.00 -14.04 -5.49
C ASP A 271 -20.53 -12.60 -5.61
N GLU A 272 -21.72 -12.34 -5.06
CA GLU A 272 -22.34 -11.01 -5.19
CA GLU A 272 -22.35 -11.02 -5.18
C GLU A 272 -22.15 -10.11 -3.97
N VAL A 273 -21.76 -10.69 -2.82
CA VAL A 273 -21.69 -9.93 -1.57
C VAL A 273 -20.53 -8.93 -1.43
N ILE A 274 -19.44 -9.14 -2.15
CA ILE A 274 -18.27 -8.25 -2.09
C ILE A 274 -17.92 -7.70 -3.47
N ASN A 275 -17.60 -6.41 -3.53
CA ASN A 275 -17.10 -5.79 -4.76
C ASN A 275 -15.68 -6.27 -5.07
N THR A 276 -15.59 -7.52 -5.54
CA THR A 276 -14.30 -8.19 -5.78
C THR A 276 -13.45 -7.48 -6.83
N VAL A 277 -14.08 -7.01 -7.90
CA VAL A 277 -13.36 -6.29 -8.96
C VAL A 277 -12.73 -5.01 -8.39
N GLY A 278 -13.53 -4.23 -7.68
CA GLY A 278 -13.06 -3.01 -7.02
C GLY A 278 -11.89 -3.23 -6.08
N LEU A 279 -12.00 -4.28 -5.25
CA LEU A 279 -10.95 -4.59 -4.28
C LEU A 279 -9.67 -5.11 -4.92
N THR A 280 -9.81 -6.00 -5.89
CA THR A 280 -8.66 -6.54 -6.63
C THR A 280 -7.89 -5.41 -7.31
N ARG A 281 -8.62 -4.52 -7.99
CA ARG A 281 -8.02 -3.34 -8.60
C ARG A 281 -7.34 -2.42 -7.58
N ALA A 282 -7.96 -2.28 -6.40
CA ALA A 282 -7.37 -1.48 -5.31
C ALA A 282 -6.02 -2.03 -4.86
N ILE A 283 -5.90 -3.35 -4.81
CA ILE A 283 -4.66 -4.01 -4.42
C ILE A 283 -3.62 -3.92 -5.55
N GLU A 284 -4.06 -4.16 -6.79
CA GLU A 284 -3.19 -3.98 -7.96
C GLU A 284 -2.62 -2.57 -8.01
N ASN A 285 -3.44 -1.60 -7.65
CA ASN A 285 -3.05 -0.19 -7.73
C ASN A 285 -1.91 0.23 -6.80
N VAL A 286 -1.63 -0.55 -5.76
CA VAL A 286 -0.59 -0.16 -4.78
C VAL A 286 0.40 -1.26 -4.39
N GLY A 287 0.02 -2.53 -4.55
CA GLY A 287 0.82 -3.62 -4.03
C GLY A 287 1.79 -4.26 -5.02
N SER A 288 2.49 -5.30 -4.55
CA SER A 288 3.39 -6.09 -5.38
C SER A 288 3.54 -7.47 -4.75
N PRO A 289 3.89 -8.49 -5.56
CA PRO A 289 4.01 -9.86 -5.02
C PRO A 289 5.00 -9.96 -3.86
N GLU A 290 6.05 -9.15 -3.88
CA GLU A 290 7.06 -9.17 -2.82
C GLU A 290 6.62 -8.49 -1.53
N GLY A 291 5.48 -7.80 -1.58
CA GLY A 291 4.95 -7.10 -0.39
C GLY A 291 5.37 -5.64 -0.30
N VAL A 292 6.12 -5.17 -1.29
CA VAL A 292 6.51 -3.76 -1.37
C VAL A 292 5.31 -2.90 -1.78
N VAL A 293 5.09 -1.81 -1.03
CA VAL A 293 3.97 -0.91 -1.24
C VAL A 293 4.45 0.52 -1.04
N VAL A 294 4.05 1.42 -1.94
CA VAL A 294 4.38 2.84 -1.84
C VAL A 294 4.00 3.39 -0.46
N PRO A 295 4.93 4.06 0.22
CA PRO A 295 4.68 4.48 1.62
C PRO A 295 3.48 5.40 1.82
N GLY A 296 3.18 6.24 0.83
CA GLY A 296 2.08 7.21 0.93
C GLY A 296 0.68 6.64 1.19
N VAL A 297 0.49 5.36 0.93
CA VAL A 297 -0.82 4.72 1.17
C VAL A 297 -0.79 3.80 2.41
N MET A 298 0.33 3.78 3.11
CA MET A 298 0.53 2.87 4.24
C MET A 298 0.49 3.60 5.60
N SER A 299 0.92 2.91 6.65
CA SER A 299 0.74 3.43 8.02
C SER A 299 1.61 4.65 8.35
N ARG A 300 1.21 5.37 9.40
CA ARG A 300 1.83 6.66 9.75
C ARG A 300 3.29 6.57 10.21
N ASN A 301 3.77 5.39 10.59
CA ASN A 301 5.18 5.23 10.99
C ASN A 301 6.15 5.31 9.80
N GLY A 302 5.61 5.16 8.59
CA GLY A 302 6.42 5.20 7.38
C GLY A 302 6.96 3.82 7.08
N THR A 303 6.30 3.14 6.15
CA THR A 303 6.65 1.76 5.81
C THR A 303 6.41 1.49 4.33
N LEU A 304 7.29 0.67 3.74
CA LEU A 304 7.13 0.27 2.33
C LEU A 304 6.81 -1.22 2.18
N TYR A 305 6.41 -1.86 3.28
CA TYR A 305 6.25 -3.32 3.27
C TYR A 305 5.06 -3.80 4.07
N SER A 306 4.36 -4.79 3.51
CA SER A 306 3.33 -5.56 4.20
C SER A 306 3.66 -7.03 3.99
N ASN A 307 3.67 -7.80 5.07
CA ASN A 307 3.99 -9.22 4.94
C ASN A 307 2.81 -10.09 4.46
N VAL A 308 1.68 -9.46 4.15
CA VAL A 308 0.52 -10.19 3.60
C VAL A 308 0.01 -9.73 2.22
N ILE A 309 0.19 -8.45 1.89
CA ILE A 309 -0.39 -7.89 0.66
C ILE A 309 0.03 -8.66 -0.60
N GLY A 310 1.24 -9.22 -0.59
CA GLY A 310 1.74 -9.99 -1.73
C GLY A 310 0.96 -11.26 -1.98
N ASN A 311 0.23 -11.73 -0.95
CA ASN A 311 -0.55 -12.96 -1.01
C ASN A 311 -2.04 -12.73 -1.27
N PHE A 312 -2.44 -11.47 -1.42
CA PHE A 312 -3.86 -11.14 -1.58
C PHE A 312 -4.40 -11.55 -2.95
N ILE A 313 -3.60 -11.30 -3.99
CA ILE A 313 -4.00 -11.53 -5.38
C ILE A 313 -2.80 -12.03 -6.19
N THR A 314 -3.08 -12.50 -7.40
CA THR A 314 -2.04 -12.71 -8.40
C THR A 314 -1.90 -11.40 -9.18
N TYR A 315 -0.71 -10.81 -9.14
CA TYR A 315 -0.47 -9.49 -9.70
C TYR A 315 -0.08 -9.57 -11.18
N PRO A 316 -0.72 -8.76 -12.04
CA PRO A 316 -0.31 -8.68 -13.44
C PRO A 316 0.91 -7.78 -13.61
N LEU A 317 1.66 -7.99 -14.69
CA LEU A 317 2.72 -7.07 -15.08
C LEU A 317 2.02 -5.95 -15.85
N ALA A 318 1.97 -4.77 -15.25
CA ALA A 318 1.13 -3.69 -15.78
C ALA A 318 1.47 -2.33 -15.22
N VAL A 319 0.99 -1.29 -15.91
CA VAL A 319 1.00 0.06 -15.38
C VAL A 319 -0.44 0.40 -14.99
N HIS A 320 -0.63 0.85 -13.75
CA HIS A 320 -1.95 1.15 -13.20
C HIS A 320 -2.03 2.61 -12.85
N SER A 321 -3.22 3.19 -12.98
CA SER A 321 -3.43 4.57 -12.55
C SER A 321 -4.76 4.79 -11.85
N ALA A 322 -4.73 5.63 -10.82
CA ALA A 322 -5.94 6.08 -10.16
C ALA A 322 -6.00 7.58 -10.40
N ASP A 323 -6.82 7.99 -11.38
CA ASP A 323 -6.77 9.35 -11.92
C ASP A 323 -7.38 10.43 -11.02
N TYR A 324 -8.27 10.02 -10.12
CA TYR A 324 -8.88 10.95 -9.17
C TYR A 324 -8.14 10.99 -7.83
N SER A 325 -7.75 9.82 -7.34
CA SER A 325 -7.08 9.69 -6.04
C SER A 325 -5.59 9.97 -6.15
N LYS A 326 -5.08 9.92 -7.39
CA LYS A 326 -3.70 10.31 -7.75
C LYS A 326 -2.63 9.29 -7.33
N VAL A 327 -2.67 8.12 -7.95
CA VAL A 327 -1.63 7.10 -7.75
C VAL A 327 -1.27 6.53 -9.12
N LEU A 328 0.03 6.49 -9.41
CA LEU A 328 0.56 5.80 -10.58
C LEU A 328 1.49 4.70 -10.11
N THR A 329 1.25 3.48 -10.57
CA THR A 329 2.00 2.31 -10.10
C THR A 329 2.37 1.41 -11.27
N LYS A 330 3.62 0.97 -11.28
CA LYS A 330 4.08 0.05 -12.31
C LYS A 330 4.72 -1.17 -11.68
N LEU A 331 4.29 -2.34 -12.14
CA LEU A 331 4.93 -3.59 -11.78
C LEU A 331 5.43 -4.22 -13.06
N SER A 332 6.76 -4.36 -13.17
CA SER A 332 7.35 -5.02 -14.32
C SER A 332 8.03 -6.31 -13.88
N LYS A 333 8.70 -6.98 -14.81
CA LYS A 333 9.48 -8.18 -14.50
C LYS A 333 10.65 -7.86 -13.57
N THR A 334 11.10 -6.60 -13.57
CA THR A 334 12.32 -6.21 -12.85
C THR A 334 12.12 -5.27 -11.66
N TYR A 335 11.05 -4.48 -11.68
CA TYR A 335 10.84 -3.51 -10.59
C TYR A 335 9.39 -3.22 -10.21
N TYR A 336 9.23 -2.67 -9.02
CA TYR A 336 7.98 -2.04 -8.58
C TYR A 336 8.28 -0.57 -8.41
N GLY A 337 7.48 0.29 -9.02
CA GLY A 337 7.61 1.73 -8.85
C GLY A 337 6.24 2.35 -8.64
N SER A 338 6.18 3.41 -7.83
CA SER A 338 4.91 4.09 -7.58
C SER A 338 5.09 5.53 -7.16
N VAL A 339 4.17 6.39 -7.57
CA VAL A 339 4.12 7.77 -7.09
C VAL A 339 2.72 8.07 -6.56
N VAL A 340 2.65 8.56 -5.33
CA VAL A 340 1.41 9.16 -4.82
C VAL A 340 1.42 10.64 -5.18
N GLY A 341 0.42 11.05 -5.96
CA GLY A 341 0.28 12.44 -6.37
C GLY A 341 -0.40 13.27 -5.30
N VAL A 342 -0.85 14.46 -5.68
CA VAL A 342 -1.43 15.40 -4.73
C VAL A 342 -2.71 15.97 -5.32
N THR A 343 -3.79 15.93 -4.55
CA THR A 343 -5.03 16.63 -4.90
C THR A 343 -5.54 17.38 -3.68
N ASN A 344 -6.09 18.57 -3.89
CA ASN A 344 -6.72 19.33 -2.81
C ASN A 344 -7.88 18.58 -2.12
N ARG A 345 -8.40 17.56 -2.79
CA ARG A 345 -9.49 16.73 -2.24
C ARG A 345 -9.06 15.74 -1.14
N LEU A 346 -7.77 15.42 -1.09
CA LEU A 346 -7.29 14.40 -0.15
C LEU A 346 -6.08 14.89 0.66
N ALA A 347 -5.96 14.37 1.88
CA ALA A 347 -4.81 14.69 2.72
C ALA A 347 -3.51 14.29 2.04
N TYR A 348 -2.49 15.13 2.18
CA TYR A 348 -1.16 14.74 1.73
C TYR A 348 -0.40 14.06 2.86
N TYR A 349 -0.91 14.18 4.08
CA TYR A 349 -0.24 13.63 5.25
C TYR A 349 -1.18 13.46 6.44
N GLU A 350 -0.89 12.48 7.28
CA GLU A 350 -1.57 12.30 8.55
C GLU A 350 -0.52 12.00 9.62
N SER A 351 -0.57 12.75 10.72
CA SER A 351 0.33 12.54 11.85
C SER A 351 -0.41 12.09 13.11
N ASP A 352 0.35 11.64 14.10
CA ASP A 352 -0.20 11.29 15.41
C ASP A 352 0.79 11.72 16.50
N PRO A 353 0.46 11.50 17.81
CA PRO A 353 1.38 11.95 18.86
C PRO A 353 2.82 11.44 18.75
N THR A 354 3.00 10.25 18.16
CA THR A 354 4.32 9.64 17.99
C THR A 354 4.95 9.95 16.62
N ASN A 355 4.16 9.76 15.56
CA ASN A 355 4.66 9.87 14.18
C ASN A 355 4.33 11.22 13.57
N ASN A 356 5.35 12.02 13.29
CA ASN A 356 5.14 13.33 12.68
C ASN A 356 6.21 13.79 11.70
N ILE A 357 7.10 12.87 11.30
CA ILE A 357 8.19 13.21 10.38
C ILE A 357 8.06 12.55 9.00
N GLN A 358 6.92 11.93 8.72
CA GLN A 358 6.76 11.09 7.54
C GLN A 358 6.20 11.80 6.29
N ALA A 359 5.89 13.10 6.40
CA ALA A 359 5.30 13.84 5.28
C ALA A 359 6.17 13.90 4.02
N PRO A 360 7.49 14.17 4.16
CA PRO A 360 8.32 14.15 2.94
C PRO A 360 8.27 12.83 2.18
N LEU A 361 8.32 11.71 2.89
CA LEU A 361 8.22 10.38 2.28
C LEU A 361 6.89 10.16 1.56
N TRP A 362 5.80 10.62 2.17
CA TRP A 362 4.47 10.49 1.58
C TRP A 362 4.23 11.36 0.37
N THR A 363 4.98 12.45 0.26
CA THR A 363 4.73 13.45 -0.78
C THR A 363 5.78 13.48 -1.88
N MET A 364 6.96 12.96 -1.60
CA MET A 364 8.09 13.16 -2.52
C MET A 364 8.89 11.89 -2.87
N ALA A 365 8.44 10.72 -2.41
CA ALA A 365 9.09 9.47 -2.80
C ALA A 365 8.97 9.29 -4.31
N ARG A 366 10.13 9.21 -4.98
CA ARG A 366 10.22 8.98 -6.42
C ARG A 366 11.27 7.90 -6.63
N ARG A 367 10.84 6.65 -6.47
CA ARG A 367 11.77 5.53 -6.34
C ARG A 367 11.24 4.28 -7.04
N ILE A 368 12.16 3.51 -7.61
CA ILE A 368 11.86 2.17 -8.08
C ILE A 368 12.63 1.20 -7.20
N TRP A 369 12.01 0.06 -6.91
CA TRP A 369 12.64 -0.97 -6.11
C TRP A 369 12.81 -2.19 -6.95
N ASN A 370 14.06 -2.64 -7.06
CA ASN A 370 14.40 -3.87 -7.77
C ASN A 370 13.69 -5.03 -7.09
N ARG A 371 12.90 -5.79 -7.86
CA ARG A 371 12.11 -6.90 -7.31
C ARG A 371 12.98 -7.99 -6.68
N ARG A 372 14.23 -8.06 -7.10
CA ARG A 372 15.19 -9.00 -6.50
C ARG A 372 16.10 -8.36 -5.45
N GLY A 373 15.86 -7.08 -5.17
CA GLY A 373 16.63 -6.35 -4.16
C GLY A 373 16.24 -6.74 -2.74
N ARG A 374 17.03 -6.27 -1.77
CA ARG A 374 16.70 -6.45 -0.36
C ARG A 374 15.54 -5.53 0.00
N ILE A 375 14.57 -6.02 0.74
CA ILE A 375 13.51 -5.16 1.25
C ILE A 375 14.01 -4.49 2.53
N ILE A 376 14.52 -3.27 2.38
CA ILE A 376 15.01 -2.49 3.50
C ILE A 376 13.90 -1.52 3.87
N ASN A 377 13.29 -1.73 5.04
CA ASN A 377 12.22 -0.84 5.48
C ASN A 377 12.78 0.34 6.28
N TYR A 378 11.99 1.40 6.41
CA TYR A 378 12.44 2.61 7.10
C TYR A 378 12.44 2.42 8.62
N ASN A 379 13.28 3.22 9.29
CA ASN A 379 13.20 3.38 10.73
C ASN A 379 13.22 4.88 11.06
N ALA A 380 13.16 5.22 12.36
CA ALA A 380 13.10 6.63 12.78
C ALA A 380 14.24 7.50 12.23
N ASN A 381 15.40 6.87 11.99
CA ASN A 381 16.59 7.58 11.51
C ASN A 381 16.74 7.63 9.99
N THR A 382 15.94 6.84 9.28
CA THR A 382 16.05 6.76 7.82
C THR A 382 14.78 7.18 7.07
N VAL A 383 13.68 7.32 7.80
CA VAL A 383 12.36 7.58 7.19
C VAL A 383 12.26 8.96 6.52
N SER A 384 13.21 9.85 6.84
CA SER A 384 13.26 11.19 6.25
C SER A 384 13.92 11.21 4.88
N PHE A 385 14.45 10.06 4.46
CA PHE A 385 15.31 10.00 3.30
C PHE A 385 14.86 8.94 2.30
N GLU A 386 14.73 9.35 1.04
CA GLU A 386 14.38 8.47 -0.06
C GLU A 386 14.59 9.22 -1.36
N SER A 387 14.86 8.48 -2.43
CA SER A 387 14.96 9.07 -3.77
CA SER A 387 14.97 9.08 -3.75
C SER A 387 13.73 9.95 -4.00
N GLY A 388 13.98 11.19 -4.42
CA GLY A 388 12.90 12.13 -4.71
C GLY A 388 12.61 13.16 -3.63
N ILE A 389 12.97 12.85 -2.38
CA ILE A 389 12.69 13.78 -1.27
C ILE A 389 13.52 15.06 -1.36
N ILE A 390 12.84 16.20 -1.25
CA ILE A 390 13.50 17.50 -1.21
C ILE A 390 13.74 17.85 0.26
N LEU A 391 15.00 18.05 0.62
CA LEU A 391 15.39 18.38 2.00
C LEU A 391 15.60 19.88 2.14
N GLN A 392 15.15 20.43 3.28
CA GLN A 392 15.23 21.86 3.54
C GLN A 392 16.27 22.20 4.60
N SER A 393 16.86 21.16 5.17
CA SER A 393 17.94 21.30 6.15
C SER A 393 18.94 20.17 5.96
N LEU A 394 20.10 20.28 6.61
CA LEU A 394 21.12 19.23 6.50
C LEU A 394 20.70 17.91 7.13
N ASN A 395 20.06 17.95 8.30
CA ASN A 395 19.62 16.71 8.96
C ASN A 395 18.32 16.13 8.38
N GLY A 396 17.63 16.93 7.58
CA GLY A 396 16.47 16.47 6.81
C GLY A 396 15.20 16.19 7.57
N ILE A 397 15.14 16.57 8.84
CA ILE A 397 13.96 16.32 9.66
C ILE A 397 12.90 17.39 9.46
N MET A 398 11.73 16.96 8.99
CA MET A 398 10.60 17.86 8.78
C MET A 398 9.41 17.34 9.58
N ARG A 399 9.01 18.10 10.59
CA ARG A 399 7.95 17.69 11.51
C ARG A 399 6.64 18.42 11.24
N ILE A 400 5.55 17.66 11.21
CA ILE A 400 4.19 18.24 11.16
C ILE A 400 3.37 17.62 12.28
N PRO A 401 3.49 18.17 13.51
CA PRO A 401 2.86 17.58 14.69
C PRO A 401 1.34 17.54 14.61
N SER A 402 0.75 16.52 15.23
CA SER A 402 -0.69 16.43 15.36
C SER A 402 -1.16 17.53 16.32
N GLY A 403 -2.17 18.29 15.91
CA GLY A 403 -2.72 19.36 16.74
C GLY A 403 -3.82 18.87 17.66
N THR A 404 -4.09 17.57 17.59
CA THR A 404 -5.06 16.90 18.46
C THR A 404 -4.33 15.92 19.38
N THR A 405 -5.07 15.28 20.27
CA THR A 405 -4.49 14.25 21.15
C THR A 405 -4.57 12.86 20.50
N SER A 406 -4.98 12.81 19.24
CA SER A 406 -4.82 11.61 18.42
C SER A 406 -4.27 12.00 17.03
N THR A 407 -5.00 11.66 15.97
CA THR A 407 -4.54 11.90 14.60
C THR A 407 -5.00 13.24 14.05
N GLN A 408 -4.24 13.76 13.09
CA GLN A 408 -4.65 14.90 12.29
C GLN A 408 -4.13 14.75 10.87
N SER A 409 -5.01 15.00 9.90
CA SER A 409 -4.62 14.96 8.49
C SER A 409 -4.61 16.38 7.92
N PHE A 410 -3.80 16.58 6.87
CA PHE A 410 -3.54 17.89 6.32
C PHE A 410 -3.77 17.91 4.82
N ARG A 411 -4.61 18.85 4.36
CA ARG A 411 -4.84 19.09 2.94
C ARG A 411 -3.76 20.00 2.39
N PRO A 412 -3.36 19.79 1.13
CA PRO A 412 -2.36 20.66 0.51
C PRO A 412 -2.99 22.00 0.11
N THR A 413 -2.20 23.07 0.14
CA THR A 413 -2.66 24.38 -0.33
C THR A 413 -2.98 24.32 -1.82
N ILE A 414 -2.08 23.69 -2.58
CA ILE A 414 -2.31 23.39 -3.99
C ILE A 414 -2.10 21.88 -4.19
N GLY A 415 -3.00 21.26 -4.94
CA GLY A 415 -2.87 19.87 -5.34
C GLY A 415 -3.55 19.63 -6.67
N GLN A 416 -2.77 19.60 -7.75
CA GLN A 416 -3.29 19.30 -9.07
C GLN A 416 -2.36 18.28 -9.71
N THR A 417 -2.91 17.14 -10.12
CA THR A 417 -2.11 16.03 -10.63
C THR A 417 -2.73 15.40 -11.87
N ALA A 418 -1.89 15.17 -12.88
CA ALA A 418 -2.32 14.46 -14.08
C ALA A 418 -1.50 13.19 -14.26
N ILE A 419 -2.15 12.16 -14.80
CA ILE A 419 -1.51 10.87 -15.06
C ILE A 419 -1.86 10.40 -16.47
N ALA A 420 -0.85 9.92 -17.21
CA ALA A 420 -1.08 9.31 -18.51
C ALA A 420 -0.27 8.04 -18.58
N LYS A 421 -0.87 6.96 -19.08
CA LYS A 421 -0.17 5.70 -19.19
C LYS A 421 -0.46 4.95 -20.48
N THR A 422 0.51 4.14 -20.90
CA THR A 422 0.37 3.23 -22.03
C THR A 422 0.72 1.81 -21.55
N ASP A 423 1.07 0.94 -22.50
CA ASP A 423 1.34 -0.48 -22.22
CA ASP A 423 1.32 -0.48 -22.21
C ASP A 423 2.40 -0.70 -21.14
N THR A 424 3.56 -0.08 -21.31
CA THR A 424 4.70 -0.31 -20.43
C THR A 424 5.17 0.93 -19.69
N ALA A 425 4.57 2.08 -20.01
CA ALA A 425 5.04 3.35 -19.46
C ALA A 425 3.91 4.16 -18.83
N GLY A 426 4.26 4.97 -17.84
CA GLY A 426 3.30 5.85 -17.19
C GLY A 426 3.99 7.12 -16.71
N ALA A 427 3.36 8.25 -16.95
CA ALA A 427 3.87 9.53 -16.49
C ALA A 427 2.90 10.18 -15.50
N ILE A 428 3.47 10.90 -14.53
CA ILE A 428 2.65 11.61 -13.55
C ILE A 428 3.20 13.03 -13.37
N LEU A 429 2.30 14.01 -13.42
CA LEU A 429 2.64 15.42 -13.36
C LEU A 429 1.93 16.03 -12.15
N VAL A 430 2.71 16.51 -11.20
CA VAL A 430 2.18 17.01 -9.93
C VAL A 430 2.54 18.47 -9.73
N TYR A 431 1.53 19.27 -9.38
CA TYR A 431 1.74 20.64 -8.92
C TYR A 431 1.21 20.66 -7.49
N ALA A 432 2.09 20.95 -6.55
CA ALA A 432 1.74 20.87 -5.14
C ALA A 432 2.33 22.03 -4.34
N LYS A 433 1.62 22.43 -3.29
CA LYS A 433 2.14 23.38 -2.31
C LYS A 433 1.66 22.96 -0.92
N PHE A 434 2.58 22.94 0.03
CA PHE A 434 2.31 22.44 1.37
C PHE A 434 2.62 23.51 2.42
N ALA A 435 1.56 24.11 2.99
CA ALA A 435 1.71 25.15 4.00
C ALA A 435 2.54 24.70 5.21
N GLU A 436 2.33 23.46 5.65
CA GLU A 436 2.97 22.94 6.86
C GLU A 436 4.42 22.50 6.65
N MET A 437 4.88 22.46 5.40
CA MET A 437 6.28 22.19 5.11
C MET A 437 6.98 23.44 4.61
N ASN A 438 6.77 24.55 5.33
CA ASN A 438 7.43 25.82 5.03
C ASN A 438 7.04 26.38 3.66
N ASN A 439 5.78 26.18 3.28
CA ASN A 439 5.26 26.57 1.95
C ASN A 439 6.02 25.97 0.77
N LEU A 440 6.59 24.78 0.98
CA LEU A 440 7.22 24.03 -0.10
C LEU A 440 6.25 23.86 -1.26
N GLN A 441 6.72 24.20 -2.46
CA GLN A 441 5.96 23.98 -3.68
C GLN A 441 6.88 23.40 -4.74
N PHE A 442 6.29 22.68 -5.70
CA PHE A 442 7.04 22.20 -6.85
C PHE A 442 6.14 21.79 -8.01
N LYS A 443 6.72 21.71 -9.19
CA LYS A 443 6.15 20.96 -10.29
C LYS A 443 7.01 19.70 -10.42
N SER A 444 6.35 18.54 -10.44
CA SER A 444 7.05 17.25 -10.44
C SER A 444 6.64 16.43 -11.65
N CYS A 445 7.64 15.98 -12.41
CA CYS A 445 7.44 15.18 -13.60
C CYS A 445 8.11 13.83 -13.39
N THR A 446 7.33 12.75 -13.39
CA THR A 446 7.90 11.41 -13.26
C THR A 446 7.47 10.54 -14.44
N LEU A 447 8.42 9.77 -14.98
CA LEU A 447 8.09 8.80 -16.02
C LEU A 447 8.66 7.43 -15.67
N PHE A 448 7.78 6.42 -15.59
CA PHE A 448 8.21 5.03 -15.42
C PHE A 448 8.20 4.33 -16.78
N TYR A 449 9.24 3.52 -17.03
CA TYR A 449 9.36 2.76 -18.28
C TYR A 449 10.20 1.51 -18.02
N ASP A 450 10.36 0.63 -19.01
CA ASP A 450 11.28 -0.49 -18.86
C ASP A 450 12.68 -0.04 -19.32
N HIS A 451 13.69 0.01 -18.44
CA HIS A 451 13.65 -0.41 -17.04
C HIS A 451 14.15 0.68 -16.12
N GLY A 452 13.40 1.77 -16.05
CA GLY A 452 13.85 2.90 -15.24
C GLY A 452 12.79 3.95 -14.96
N MET A 453 13.24 5.07 -14.43
CA MET A 453 12.36 6.13 -13.98
C MET A 453 13.08 7.47 -14.16
N PHE A 454 12.42 8.39 -14.85
CA PHE A 454 12.88 9.77 -15.01
C PHE A 454 12.16 10.64 -14.00
N GLN A 455 12.89 11.55 -13.34
CA GLN A 455 12.31 12.50 -12.40
C GLN A 455 12.85 13.90 -12.65
N LEU A 456 11.94 14.84 -12.89
CA LEU A 456 12.29 16.26 -12.97
C LEU A 456 11.44 17.04 -11.99
N TYR A 457 12.10 17.79 -11.09
CA TYR A 457 11.41 18.81 -10.32
C TYR A 457 11.82 20.15 -10.90
N TYR A 458 10.84 21.03 -11.13
CA TYR A 458 11.16 22.42 -11.45
C TYR A 458 10.23 23.35 -10.68
N ASN A 459 10.56 24.64 -10.67
CA ASN A 459 9.84 25.63 -9.86
C ASN A 459 9.71 25.20 -8.40
N ILE A 460 10.77 24.60 -7.86
CA ILE A 460 10.84 24.27 -6.44
C ILE A 460 10.95 25.58 -5.66
N GLY A 461 10.05 25.78 -4.71
CA GLY A 461 10.07 26.99 -3.89
C GLY A 461 9.74 26.73 -2.44
N VAL A 462 10.20 27.62 -1.57
CA VAL A 462 9.76 27.66 -0.17
C VAL A 462 9.51 29.11 0.20
N GLU A 463 8.92 29.34 1.38
CA GLU A 463 8.73 30.70 1.90
C GLU A 463 10.04 31.47 1.76
N PRO A 464 10.00 32.67 1.14
CA PRO A 464 11.23 33.47 1.04
C PRO A 464 11.88 33.72 2.40
N ASN A 465 13.21 33.69 2.43
CA ASN A 465 14.01 34.05 3.62
C ASN A 465 13.84 33.14 4.83
N SER A 466 13.47 31.88 4.58
CA SER A 466 13.08 30.95 5.63
C SER A 466 14.12 29.87 5.95
N LEU A 467 15.17 29.77 5.15
CA LEU A 467 16.09 28.64 5.26
C LEU A 467 17.39 28.91 6.04
N ASN A 468 17.52 30.10 6.63
CA ASN A 468 18.71 30.45 7.40
C ASN A 468 20.00 30.18 6.62
N ASN A 469 20.03 30.68 5.38
CA ASN A 469 21.17 30.54 4.46
C ASN A 469 21.67 29.12 4.25
N THR A 470 20.74 28.16 4.30
CA THR A 470 21.06 26.76 4.06
C THR A 470 20.47 26.33 2.72
N ASN A 471 21.32 25.78 1.86
CA ASN A 471 20.86 25.25 0.57
C ASN A 471 19.97 24.02 0.77
N GLY A 472 18.94 23.90 -0.05
CA GLY A 472 18.14 22.69 -0.09
C GLY A 472 18.85 21.62 -0.90
N ARG A 473 18.26 20.43 -0.98
CA ARG A 473 18.81 19.36 -1.81
C ARG A 473 17.74 18.36 -2.18
N VAL A 474 17.90 17.77 -3.36
CA VAL A 474 16.98 16.74 -3.82
C VAL A 474 17.74 15.42 -3.77
N ILE A 475 17.18 14.47 -3.03
CA ILE A 475 17.81 13.15 -2.88
C ILE A 475 17.65 12.35 -4.16
N VAL A 476 18.78 11.87 -4.68
CA VAL A 476 18.80 11.01 -5.87
C VAL A 476 18.86 9.53 -5.45
N LEU A 477 19.76 9.22 -4.53
CA LEU A 477 19.91 7.87 -3.97
C LEU A 477 20.17 7.97 -2.49
N SER A 478 19.60 7.04 -1.73
CA SER A 478 19.78 6.99 -0.28
C SER A 478 20.06 5.57 0.17
N ARG A 479 20.85 5.42 1.23
CA ARG A 479 21.06 4.10 1.82
C ARG A 479 21.15 4.15 3.33
N ASP A 480 20.55 3.13 3.95
CA ASP A 480 20.68 2.84 5.37
C ASP A 480 22.05 2.18 5.53
N THR A 481 22.97 2.88 6.19
CA THR A 481 24.37 2.42 6.30
C THR A 481 24.55 1.21 7.21
N SER A 482 23.51 0.84 7.96
CA SER A 482 23.58 -0.34 8.82
C SER A 482 23.40 -1.63 8.01
N VAL A 483 22.86 -1.49 6.79
CA VAL A 483 22.67 -2.63 5.90
C VAL A 483 23.97 -2.90 5.15
N ASN A 484 24.47 -4.13 5.25
CA ASN A 484 25.67 -4.49 4.53
C ASN A 484 25.34 -5.22 3.22
N THR A 485 25.70 -4.59 2.12
CA THR A 485 25.52 -5.16 0.79
C THR A 485 26.90 -5.24 0.16
N ASN A 486 26.98 -5.74 -1.08
CA ASN A 486 28.26 -5.79 -1.78
C ASN A 486 28.62 -4.47 -2.48
N ASP A 487 27.69 -3.52 -2.48
CA ASP A 487 27.92 -2.15 -2.97
C ASP A 487 28.94 -1.45 -2.08
N LEU A 488 29.94 -0.80 -2.67
CA LEU A 488 30.85 0.06 -1.89
C LEU A 488 30.09 1.32 -1.46
N SER A 489 30.67 2.09 -0.53
CA SER A 489 30.03 3.33 -0.11
C SER A 489 29.87 4.25 -1.33
N PHE A 490 28.94 5.19 -1.24
CA PHE A 490 28.71 6.13 -2.33
C PHE A 490 29.98 6.94 -2.64
N GLU A 491 30.71 7.33 -1.60
CA GLU A 491 31.94 8.09 -1.81
C GLU A 491 33.03 7.25 -2.49
N ALA A 492 33.18 5.99 -2.07
CA ALA A 492 34.14 5.09 -2.69
C ALA A 492 33.79 4.82 -4.16
N GLN A 493 32.50 4.63 -4.45
CA GLN A 493 32.03 4.46 -5.83
C GLN A 493 32.36 5.68 -6.67
N ARG A 494 32.11 6.88 -6.12
CA ARG A 494 32.43 8.13 -6.80
C ARG A 494 33.92 8.21 -7.16
N ILE A 495 34.79 8.01 -6.17
CA ILE A 495 36.25 8.09 -6.38
C ILE A 495 36.74 7.05 -7.40
N ASN A 496 36.18 5.85 -7.32
CA ASN A 496 36.49 4.78 -8.28
CA ASN A 496 36.50 4.78 -8.27
C ASN A 496 36.07 5.13 -9.70
N ASN A 497 35.04 5.97 -9.81
CA ASN A 497 34.54 6.43 -11.11
C ASN A 497 35.10 7.81 -11.51
N ASN A 498 36.40 7.99 -11.33
CA ASN A 498 37.08 9.25 -11.68
C ASN A 498 36.50 10.49 -10.99
N ASN A 499 36.07 10.29 -9.74
CA ASN A 499 35.42 11.34 -8.93
C ASN A 499 34.08 11.82 -9.52
N SER A 500 33.27 10.87 -10.00
CA SER A 500 31.95 11.17 -10.51
C SER A 500 30.93 10.24 -9.89
N SER A 501 29.79 10.79 -9.47
CA SER A 501 28.73 9.98 -8.86
C SER A 501 27.76 9.38 -9.88
N GLU A 502 27.97 9.65 -11.17
CA GLU A 502 27.18 9.02 -12.23
C GLU A 502 27.33 7.52 -12.12
N GLY A 503 26.20 6.81 -12.22
CA GLY A 503 26.24 5.33 -12.17
C GLY A 503 26.44 4.75 -10.78
N THR A 504 26.20 5.54 -9.74
CA THR A 504 26.27 5.02 -8.37
C THR A 504 25.15 3.99 -8.17
N THR A 505 25.49 2.89 -7.50
CA THR A 505 24.59 1.75 -7.34
C THR A 505 24.27 1.48 -5.87
N PHE A 506 22.99 1.23 -5.59
CA PHE A 506 22.61 0.65 -4.30
C PHE A 506 21.42 -0.30 -4.46
N ASN A 507 21.54 -1.49 -3.89
CA ASN A 507 20.44 -2.43 -3.77
C ASN A 507 19.70 -2.67 -5.10
N GLY A 508 20.48 -2.90 -6.15
CA GLY A 508 19.94 -3.21 -7.49
C GLY A 508 19.37 -2.04 -8.27
N VAL A 509 19.68 -0.82 -7.84
CA VAL A 509 19.23 0.39 -8.51
C VAL A 509 20.43 1.30 -8.77
N VAL A 510 20.47 1.89 -9.96
CA VAL A 510 21.58 2.74 -10.40
C VAL A 510 21.06 4.13 -10.72
N CYS A 511 21.79 5.17 -10.29
CA CYS A 511 21.36 6.55 -10.53
C CYS A 511 22.24 7.29 -11.55
N HIS A 512 21.61 8.23 -12.27
CA HIS A 512 22.27 9.11 -13.23
C HIS A 512 21.64 10.48 -13.19
N ARG A 513 22.45 11.51 -13.39
CA ARG A 513 21.95 12.86 -13.61
C ARG A 513 21.42 12.94 -15.05
N VAL A 514 20.34 13.67 -15.24
CA VAL A 514 19.79 13.90 -16.59
C VAL A 514 19.85 15.40 -16.91
N PRO A 515 20.85 15.82 -17.71
CA PRO A 515 20.90 17.24 -18.07
C PRO A 515 19.79 17.59 -19.06
N ILE A 516 19.29 18.82 -18.96
CA ILE A 516 18.35 19.35 -19.93
C ILE A 516 18.81 20.75 -20.26
N THR A 517 19.16 20.97 -21.53
CA THR A 517 19.65 22.29 -21.95
C THR A 517 18.61 23.35 -21.60
N ASN A 518 19.09 24.44 -20.99
CA ASN A 518 18.26 25.58 -20.57
C ASN A 518 17.48 25.37 -19.26
N ILE A 519 17.75 24.27 -18.57
CA ILE A 519 17.23 24.02 -17.22
C ILE A 519 18.43 23.72 -16.31
N ASN A 520 18.47 24.35 -15.15
CA ASN A 520 19.55 24.09 -14.21
C ASN A 520 19.42 22.72 -13.54
N VAL A 521 20.39 21.86 -13.79
CA VAL A 521 20.42 20.53 -13.17
C VAL A 521 21.76 20.39 -12.47
N PRO A 522 21.76 20.43 -11.13
CA PRO A 522 23.00 20.34 -10.36
C PRO A 522 23.69 19.00 -10.56
N SER A 523 24.99 18.96 -10.29
CA SER A 523 25.73 17.70 -10.34
C SER A 523 25.35 16.83 -9.13
N LEU A 524 25.69 15.55 -9.22
CA LEU A 524 25.49 14.62 -8.12
C LEU A 524 26.63 14.73 -7.13
N THR A 525 26.29 14.88 -5.85
CA THR A 525 27.28 14.95 -4.78
C THR A 525 26.87 14.02 -3.64
N VAL A 526 27.85 13.65 -2.83
CA VAL A 526 27.66 12.66 -1.76
C VAL A 526 27.73 13.33 -0.39
N ARG A 527 26.81 12.98 0.50
CA ARG A 527 26.77 13.53 1.85
C ARG A 527 26.08 12.58 2.82
N SER A 528 26.52 12.57 4.07
CA SER A 528 25.86 11.83 5.15
C SER A 528 25.10 12.79 6.09
N PRO A 529 23.76 12.73 6.09
CA PRO A 529 22.95 13.63 6.93
C PRO A 529 22.94 13.26 8.41
N ASN A 530 23.20 11.99 8.72
CA ASN A 530 23.35 11.48 10.08
C ASN A 530 24.18 10.20 10.03
N SER A 531 24.35 9.56 11.18
CA SER A 531 25.22 8.39 11.27
C SER A 531 24.60 7.11 10.69
N SER A 532 23.34 7.18 10.24
CA SER A 532 22.62 6.01 9.73
C SER A 532 22.40 6.04 8.22
N VAL A 533 22.72 7.17 7.59
CA VAL A 533 22.33 7.41 6.20
C VAL A 533 23.46 8.00 5.36
N GLU A 534 23.58 7.53 4.10
CA GLU A 534 24.42 8.17 3.09
C GLU A 534 23.55 8.53 1.88
N LEU A 535 23.83 9.68 1.27
CA LEU A 535 23.03 10.18 0.15
C LEU A 535 23.85 10.52 -1.08
N VAL A 536 23.24 10.35 -2.25
CA VAL A 536 23.64 11.06 -3.45
C VAL A 536 22.54 12.09 -3.66
N GLU A 537 22.91 13.35 -3.82
CA GLU A 537 21.91 14.42 -3.88
C GLU A 537 22.27 15.49 -4.92
N GLN A 538 21.27 16.28 -5.31
CA GLN A 538 21.48 17.46 -6.12
C GLN A 538 21.16 18.68 -5.27
N ILE A 539 22.20 19.44 -4.95
CA ILE A 539 22.06 20.62 -4.09
C ILE A 539 21.45 21.78 -4.87
N ILE A 540 20.44 22.42 -4.29
CA ILE A 540 19.75 23.55 -4.92
C ILE A 540 19.89 24.79 -4.04
N SER A 541 20.20 25.93 -4.66
CA SER A 541 20.49 27.14 -3.88
C SER A 541 19.24 27.66 -3.14
N PHE A 542 19.44 28.15 -1.92
CA PHE A 542 18.33 28.77 -1.19
C PHE A 542 17.78 29.98 -1.95
N GLN A 543 18.63 30.69 -2.67
CA GLN A 543 18.20 31.84 -3.49
C GLN A 543 17.15 31.47 -4.52
N THR A 544 17.38 30.36 -5.25
CA THR A 544 16.43 29.92 -6.28
C THR A 544 15.18 29.31 -5.66
N MET A 545 15.32 28.69 -4.49
CA MET A 545 14.15 28.20 -3.74
C MET A 545 13.26 29.36 -3.30
N TYR A 546 13.88 30.48 -2.92
CA TYR A 546 13.10 31.65 -2.51
C TYR A 546 12.29 32.25 -3.65
N THR A 547 12.79 32.11 -4.88
CA THR A 547 12.09 32.62 -6.06
C THR A 547 11.24 31.54 -6.76
N ALA A 548 11.13 30.37 -6.13
CA ALA A 548 10.41 29.21 -6.67
C ALA A 548 10.87 28.89 -8.09
N THR A 549 12.19 28.85 -8.28
CA THR A 549 12.78 28.55 -9.59
C THR A 549 13.83 27.44 -9.53
N ALA A 550 13.99 26.79 -8.37
CA ALA A 550 14.96 25.71 -8.24
C ALA A 550 14.53 24.48 -9.03
N SER A 551 15.51 23.72 -9.52
CA SER A 551 15.23 22.52 -10.32
C SER A 551 16.24 21.40 -10.07
N ALA A 552 15.82 20.17 -10.31
CA ALA A 552 16.68 19.00 -10.20
C ALA A 552 16.17 17.90 -11.11
N CYS A 553 17.07 17.09 -11.66
CA CYS A 553 16.68 16.08 -12.64
C CYS A 553 17.61 14.88 -12.60
N TYR A 554 17.03 13.69 -12.44
CA TYR A 554 17.81 12.47 -12.40
C TYR A 554 17.01 11.30 -12.95
N LYS A 555 17.67 10.17 -13.16
CA LYS A 555 16.97 8.94 -13.50
C LYS A 555 17.52 7.77 -12.70
N LEU A 556 16.68 6.77 -12.51
CA LEU A 556 17.09 5.52 -11.87
C LEU A 556 16.91 4.39 -12.89
N ASN A 557 17.82 3.43 -12.87
CA ASN A 557 17.72 2.22 -13.68
C ASN A 557 17.79 1.00 -12.80
N VAL A 558 17.12 -0.07 -13.21
CA VAL A 558 17.38 -1.38 -12.64
C VAL A 558 18.81 -1.76 -13.03
N GLU A 559 19.59 -2.19 -12.03
CA GLU A 559 20.98 -2.60 -12.28
C GLU A 559 21.03 -3.66 -13.38
N GLY A 560 21.92 -3.45 -14.33
CA GLY A 560 22.06 -4.33 -15.50
C GLY A 560 21.19 -3.94 -16.69
N HIS A 561 20.39 -2.88 -16.54
CA HIS A 561 19.44 -2.45 -17.59
C HIS A 561 19.54 -1.00 -17.97
N SER A 562 20.58 -0.65 -18.73
CA SER A 562 20.83 0.75 -19.12
C SER A 562 19.98 1.20 -20.31
N ASP A 563 19.83 2.51 -20.45
CA ASP A 563 19.10 3.08 -21.58
C ASP A 563 19.74 4.41 -21.99
N SER A 564 19.25 4.97 -23.10
CA SER A 564 19.78 6.24 -23.60
C SER A 564 18.72 7.34 -23.54
N LEU A 565 17.98 7.40 -22.43
CA LEU A 565 16.95 8.41 -22.24
C LEU A 565 17.53 9.82 -22.39
N ARG A 566 16.81 10.68 -23.12
CA ARG A 566 17.14 12.09 -23.23
C ARG A 566 15.89 12.91 -22.94
N ALA A 567 16.09 14.13 -22.42
CA ALA A 567 14.98 15.03 -22.14
C ALA A 567 15.31 16.42 -22.67
N PHE A 568 14.26 17.14 -23.08
CA PHE A 568 14.43 18.42 -23.76
C PHE A 568 13.43 19.43 -23.26
N ARG A 569 13.88 20.68 -23.14
CA ARG A 569 12.98 21.80 -22.94
C ARG A 569 12.67 22.35 -24.33
N VAL A 570 11.44 22.13 -24.80
CA VAL A 570 11.10 22.45 -26.18
C VAL A 570 10.47 23.85 -26.31
N ASN A 571 11.32 24.83 -26.63
CA ASN A 571 10.91 26.21 -26.95
C ASN A 571 10.41 27.07 -25.78
N SER A 572 9.48 26.54 -25.00
CA SER A 572 8.86 27.34 -23.95
C SER A 572 9.03 26.73 -22.57
N ASP A 573 8.82 27.58 -21.55
CA ASP A 573 8.84 27.15 -20.15
C ASP A 573 7.82 26.04 -19.94
N GLU A 574 8.24 25.01 -19.20
CA GLU A 574 7.38 23.90 -18.77
C GLU A 574 7.06 22.85 -19.85
N ASN A 575 7.53 23.08 -21.07
CA ASN A 575 7.30 22.14 -22.17
C ASN A 575 8.43 21.12 -22.23
N ILE A 576 8.26 20.03 -21.47
CA ILE A 576 9.33 19.02 -21.29
C ILE A 576 9.07 17.74 -22.06
N TYR A 577 9.92 17.48 -23.06
CA TYR A 577 9.82 16.29 -23.90
C TYR A 577 10.86 15.25 -23.47
N VAL A 578 10.39 14.05 -23.15
CA VAL A 578 11.27 12.93 -22.80
C VAL A 578 11.19 11.86 -23.88
N ASN A 579 12.33 11.56 -24.49
CA ASN A 579 12.43 10.43 -25.41
C ASN A 579 13.29 9.36 -24.75
N VAL A 580 12.64 8.28 -24.32
CA VAL A 580 13.34 7.18 -23.64
C VAL A 580 14.32 6.50 -24.59
N GLY A 581 13.98 6.51 -25.88
CA GLY A 581 14.85 5.93 -26.91
C GLY A 581 14.51 4.48 -27.21
N ASN A 582 13.45 3.97 -26.59
CA ASN A 582 13.03 2.58 -26.75
C ASN A 582 11.63 2.46 -27.35
N GLY A 583 11.08 3.57 -27.84
CA GLY A 583 9.71 3.60 -28.35
C GLY A 583 8.74 4.38 -27.49
N VAL A 584 9.15 4.73 -26.28
CA VAL A 584 8.33 5.52 -25.36
C VAL A 584 8.73 6.99 -25.44
N LYS A 585 7.74 7.85 -25.70
CA LYS A 585 7.92 9.30 -25.64
C LYS A 585 6.92 9.86 -24.64
N ALA A 586 7.32 10.89 -23.91
CA ALA A 586 6.41 11.54 -22.98
C ALA A 586 6.52 13.05 -23.10
N LEU A 587 5.43 13.75 -22.78
CA LEU A 587 5.44 15.19 -22.77
C LEU A 587 4.79 15.70 -21.50
N PHE A 588 5.52 16.55 -20.80
CA PHE A 588 4.98 17.27 -19.67
C PHE A 588 4.82 18.71 -20.12
N ASN A 589 3.60 19.20 -20.15
CA ASN A 589 3.36 20.60 -20.52
C ASN A 589 2.21 21.13 -19.68
N TYR A 590 2.51 21.40 -18.42
CA TYR A 590 1.49 21.74 -17.44
C TYR A 590 0.43 22.68 -18.01
N PRO A 591 -0.88 22.32 -17.86
CA PRO A 591 -1.46 21.25 -17.06
C PRO A 591 -1.54 19.86 -17.70
N TRP A 592 -1.10 19.75 -18.95
CA TRP A 592 -1.23 18.50 -19.71
C TRP A 592 -0.06 17.58 -19.55
N VAL A 593 -0.35 16.28 -19.54
CA VAL A 593 0.70 15.25 -19.61
C VAL A 593 0.28 14.25 -20.69
N MET A 594 1.28 13.71 -21.39
CA MET A 594 1.04 12.80 -22.50
C MET A 594 2.10 11.72 -22.55
N VAL A 595 1.70 10.50 -22.90
CA VAL A 595 2.63 9.41 -23.16
C VAL A 595 2.24 8.75 -24.48
N LYS A 596 3.25 8.48 -25.32
CA LYS A 596 3.05 7.80 -26.59
C LYS A 596 3.91 6.55 -26.64
N GLU A 597 3.27 5.42 -26.98
CA GLU A 597 3.98 4.16 -27.09
C GLU A 597 3.28 3.30 -28.13
N ASN A 598 4.07 2.81 -29.08
CA ASN A 598 3.56 2.07 -30.23
C ASN A 598 2.54 2.92 -30.99
N ASN A 599 1.31 2.42 -31.14
CA ASN A 599 0.25 3.17 -31.82
C ASN A 599 -0.79 3.75 -30.85
N LYS A 600 -0.38 3.97 -29.61
CA LYS A 600 -1.30 4.43 -28.57
C LYS A 600 -0.78 5.70 -27.92
N VAL A 601 -1.67 6.66 -27.68
CA VAL A 601 -1.32 7.89 -26.97
C VAL A 601 -2.36 8.16 -25.90
N SER A 602 -1.89 8.55 -24.71
CA SER A 602 -2.78 8.95 -23.62
C SER A 602 -2.48 10.39 -23.16
N PHE A 603 -3.52 11.17 -22.93
CA PHE A 603 -3.42 12.54 -22.40
C PHE A 603 -4.25 12.65 -21.12
N MET A 604 -3.82 13.51 -20.20
CA MET A 604 -4.67 13.94 -19.09
C MET A 604 -4.30 15.35 -18.64
N SER A 605 -5.31 16.10 -18.19
CA SER A 605 -5.09 17.43 -17.64
C SER A 605 -5.09 17.39 -16.10
N ALA A 606 -4.16 18.13 -15.49
CA ALA A 606 -4.10 18.22 -14.03
C ALA A 606 -5.29 18.99 -13.47
N ASN A 607 -5.99 19.71 -14.35
CA ASN A 607 -7.26 20.36 -13.99
C ASN A 607 -8.45 19.42 -14.10
N GLU A 608 -8.20 18.19 -14.55
CA GLU A 608 -9.20 17.13 -14.69
C GLU A 608 -10.28 17.45 -15.73
N ASP A 609 -9.89 18.23 -16.74
CA ASP A 609 -10.77 18.55 -17.86
C ASP A 609 -11.28 17.27 -18.52
N THR A 610 -12.57 17.25 -18.82
CA THR A 610 -13.17 16.09 -19.51
C THR A 610 -13.24 16.33 -21.02
N THR A 611 -12.77 17.50 -21.44
CA THR A 611 -12.58 17.79 -22.87
C THR A 611 -11.13 18.18 -23.14
N ILE A 612 -10.65 17.85 -24.34
CA ILE A 612 -9.30 18.20 -24.79
C ILE A 612 -9.38 18.88 -26.16
N PRO A 613 -8.79 20.09 -26.30
CA PRO A 613 -8.85 20.78 -27.59
C PRO A 613 -7.97 20.13 -28.65
N PHE A 614 -8.40 20.22 -29.91
CA PHE A 614 -7.59 19.75 -31.04
C PHE A 614 -6.19 20.37 -30.99
N SER A 615 -6.12 21.64 -30.61
CA SER A 615 -4.84 22.38 -30.62
C SER A 615 -3.85 21.88 -29.57
N VAL A 616 -4.35 21.37 -28.45
CA VAL A 616 -3.49 20.80 -27.41
C VAL A 616 -2.84 19.53 -27.93
N ILE A 617 -3.64 18.69 -28.60
CA ILE A 617 -3.14 17.47 -29.23
C ILE A 617 -2.08 17.81 -30.29
N MET A 618 -2.40 18.77 -31.17
CA MET A 618 -1.50 19.20 -32.24
C MET A 618 -0.19 19.75 -31.69
N ASN A 619 -0.27 20.63 -30.69
CA ASN A 619 0.94 21.19 -30.07
C ASN A 619 1.80 20.13 -29.40
N SER A 620 1.15 19.16 -28.75
CA SER A 620 1.85 18.07 -28.08
C SER A 620 2.63 17.21 -29.07
N PHE A 621 1.96 16.82 -30.15
CA PHE A 621 2.58 16.01 -31.20
C PHE A 621 3.74 16.75 -31.87
N THR A 622 3.55 18.06 -32.09
CA THR A 622 4.62 18.93 -32.61
C THR A 622 5.83 18.96 -31.67
N SER A 623 5.57 19.10 -30.37
CA SER A 623 6.64 19.14 -29.36
C SER A 623 7.48 17.86 -29.31
N ILE A 624 6.85 16.71 -29.52
CA ILE A 624 7.60 15.43 -29.51
C ILE A 624 8.17 15.07 -30.88
N GLY A 625 8.10 16.01 -31.82
CA GLY A 625 8.75 15.85 -33.12
C GLY A 625 7.94 15.10 -34.16
N GLU A 626 6.63 15.03 -33.94
CA GLU A 626 5.75 14.31 -34.88
C GLU A 626 4.54 15.18 -35.26
N PRO A 627 4.79 16.32 -35.94
CA PRO A 627 3.75 17.34 -36.14
C PRO A 627 2.55 16.89 -36.98
N ALA A 628 2.77 15.93 -37.88
CA ALA A 628 1.71 15.51 -38.80
C ALA A 628 1.06 14.16 -38.44
N LEU A 629 1.21 13.72 -37.20
CA LEU A 629 0.61 12.47 -36.74
C LEU A 629 -0.90 12.43 -36.99
N GLN A 630 -1.36 11.33 -37.58
CA GLN A 630 -2.78 11.08 -37.78
C GLN A 630 -3.28 10.20 -36.65
N TYR A 631 -4.49 10.47 -36.17
CA TYR A 631 -5.00 9.77 -35.00
C TYR A 631 -6.53 9.65 -35.01
N SER A 632 -7.02 8.72 -34.19
CA SER A 632 -8.42 8.42 -34.06
C SER A 632 -8.74 8.24 -32.57
N PRO A 633 -9.89 8.77 -32.10
CA PRO A 633 -10.26 8.63 -30.68
C PRO A 633 -10.64 7.21 -30.31
N SER A 634 -10.18 6.74 -29.15
CA SER A 634 -10.48 5.39 -28.67
C SER A 634 -11.54 5.36 -27.57
N ASN A 635 -11.52 6.34 -26.67
CA ASN A 635 -12.44 6.37 -25.54
C ASN A 635 -13.08 7.74 -25.38
N CYS A 636 -13.12 8.49 -26.47
CA CYS A 636 -13.66 9.84 -26.45
C CYS A 636 -14.29 10.15 -27.80
N PHE A 637 -14.96 11.29 -27.91
CA PHE A 637 -15.70 11.64 -29.13
C PHE A 637 -15.61 13.13 -29.43
N VAL A 638 -15.68 13.47 -30.72
CA VAL A 638 -15.61 14.86 -31.17
C VAL A 638 -16.72 15.68 -30.52
N TYR A 639 -16.32 16.75 -29.85
CA TYR A 639 -17.22 17.59 -29.08
C TYR A 639 -16.62 19.00 -29.06
N GLY A 640 -17.36 19.98 -29.59
CA GLY A 640 -16.81 21.32 -29.75
C GLY A 640 -15.52 21.28 -30.55
N ASN A 641 -14.53 22.06 -30.14
CA ASN A 641 -13.26 22.13 -30.85
C ASN A 641 -12.24 21.13 -30.33
N GLY A 642 -12.69 19.90 -30.09
CA GLY A 642 -11.81 18.85 -29.57
C GLY A 642 -12.58 17.57 -29.30
N PHE A 643 -12.19 16.86 -28.24
CA PHE A 643 -12.81 15.60 -27.85
C PHE A 643 -13.29 15.64 -26.42
N LYS A 644 -14.33 14.85 -26.14
CA LYS A 644 -14.88 14.72 -24.80
C LYS A 644 -14.84 13.25 -24.42
N LEU A 645 -14.50 12.96 -23.17
CA LEU A 645 -14.44 11.58 -22.69
C LEU A 645 -15.79 10.88 -22.81
N ASN A 646 -15.77 9.62 -23.28
CA ASN A 646 -16.99 8.79 -23.32
C ASN A 646 -17.57 8.60 -21.92
N ASN A 647 -16.68 8.43 -20.93
CA ASN A 647 -17.09 8.19 -19.55
C ASN A 647 -15.99 8.66 -18.60
N SER A 648 -16.28 9.67 -17.81
CA SER A 648 -15.30 10.21 -16.87
C SER A 648 -15.54 9.75 -15.44
N THR A 649 -16.40 8.75 -15.25
CA THR A 649 -16.76 8.28 -13.90
C THR A 649 -15.53 7.78 -13.13
N PHE A 650 -14.72 6.95 -13.78
CA PHE A 650 -13.61 6.26 -13.13
C PHE A 650 -12.24 6.77 -13.58
N ASP A 651 -12.13 7.14 -14.85
CA ASP A 651 -10.84 7.46 -15.48
C ASP A 651 -10.91 8.79 -16.22
N LEU A 652 -9.79 9.50 -16.27
CA LEU A 652 -9.75 10.84 -16.85
C LEU A 652 -8.76 11.01 -18.01
N GLN A 653 -8.29 9.89 -18.56
CA GLN A 653 -7.33 9.91 -19.65
C GLN A 653 -7.99 9.81 -21.01
N PHE A 654 -7.59 10.70 -21.92
CA PHE A 654 -8.03 10.65 -23.31
C PHE A 654 -7.09 9.69 -24.05
N ILE A 655 -7.67 8.66 -24.65
CA ILE A 655 -6.87 7.65 -25.36
C ILE A 655 -7.15 7.73 -26.86
N PHE A 656 -6.07 7.79 -27.64
CA PHE A 656 -6.13 7.87 -29.08
C PHE A 656 -5.30 6.77 -29.70
N GLU A 657 -5.71 6.33 -30.89
CA GLU A 657 -4.97 5.38 -31.68
C GLU A 657 -4.28 6.13 -32.81
N ILE A 658 -2.99 5.87 -33.01
CA ILE A 658 -2.26 6.50 -34.11
C ILE A 658 -2.54 5.68 -35.37
N VAL A 659 -3.20 6.31 -36.34
CA VAL A 659 -3.72 5.63 -37.54
C VAL A 659 -3.13 6.17 -38.84
#